data_5NQ2
#
_entry.id   5NQ2
#
_cell.length_a   93.478
_cell.length_b   80.843
_cell.length_c   61.964
_cell.angle_alpha   90.000
_cell.angle_beta   119.660
_cell.angle_gamma   90.000
#
_symmetry.space_group_name_H-M   'C 1 2 1'
#
loop_
_entity.id
_entity.type
_entity.pdbx_description
1 polymer 'MHC class I antigen'
2 polymer Beta-2-microglobulin
3 polymer ILE-ALA-TYR-GLU-ARG-MET-CYS-ASN-ILE
4 non-polymer 'CALCIUM ION'
5 non-polymer 1,2-ETHANEDIOL
6 water water
#
loop_
_entity_poly.entity_id
_entity_poly.type
_entity_poly.pdbx_seq_one_letter_code
_entity_poly.pdbx_strand_id
1 'polypeptide(L)'
;MGPHSLSYFYTAVSRPDRGEPRFIAVGYVDDTQFVRFDSDAPNPRMEPRAPWIQQEGQDYWDRETQIQRDNAQTFRVNLR
TALGYYNQSEAGSHTFQSMYGCYLGPDGLLLRGYSQYGYDSADYIALNEDLRSWTAADTAAQITKRKWEAADEAEQWRSY
LQGLCVEGLRRYLEMGKDTLQRAEPPKTHVTRHPSSDLGVTLRCWALGFYPKEISLTWQREGQDQSQDMELVETRPSGDG
TFQKWAALVVPPGEEQSYTCHVQHEGLQEPLTLRWDP
;
A
2 'polypeptide(L)'
;MMVARPPKVQVYSRHPAENGKPNYLNCYVSGFHPPQIEIDLLKNGEKMNAEQSDLSFSKDWSFYLLVHTEFTPNAVDQYS
CRVKHVTLDKPKIVKWDRDH
;
B
3 'polypeptide(L)' IAYERMCNI C
#
loop_
_chem_comp.id
_chem_comp.type
_chem_comp.name
_chem_comp.formula
CA non-polymer 'CALCIUM ION' 'Ca 2'
EDO non-polymer 1,2-ETHANEDIOL 'C2 H6 O2'
#
# COMPACT_ATOMS: atom_id res chain seq x y z
N MET A 1 -16.12 -6.50 12.02
CA MET A 1 -14.65 -6.40 11.83
C MET A 1 -14.12 -7.80 11.46
N GLY A 2 -13.48 -7.88 10.29
CA GLY A 2 -12.95 -9.10 9.73
C GLY A 2 -11.72 -9.57 10.46
N PRO A 3 -11.19 -10.74 10.05
CA PRO A 3 -10.04 -11.29 10.75
C PRO A 3 -8.84 -10.38 10.65
N HIS A 4 -8.15 -10.24 11.77
CA HIS A 4 -6.96 -9.42 11.86
C HIS A 4 -5.78 -10.16 11.23
N SER A 5 -4.78 -9.42 10.73
CA SER A 5 -3.57 -9.95 10.13
C SER A 5 -2.32 -9.18 10.53
N LEU A 6 -1.20 -9.90 10.49
CA LEU A 6 0.15 -9.36 10.63
C LEU A 6 0.85 -9.60 9.33
N SER A 7 1.47 -8.59 8.71
N SER A 7 1.47 -8.59 8.71
CA SER A 7 2.14 -8.78 7.39
CA SER A 7 2.17 -8.83 7.41
C SER A 7 3.41 -7.96 7.26
C SER A 7 3.42 -7.96 7.25
N TYR A 8 4.35 -8.46 6.46
CA TYR A 8 5.65 -7.79 6.16
C TYR A 8 5.94 -7.69 4.63
N PHE A 9 6.55 -6.59 4.20
CA PHE A 9 6.85 -6.29 2.79
C PHE A 9 8.28 -5.86 2.63
N TYR A 10 9.06 -6.63 1.89
CA TYR A 10 10.47 -6.39 1.68
C TYR A 10 10.80 -6.05 0.23
N THR A 11 11.69 -5.05 0.03
CA THR A 11 12.15 -4.67 -1.28
C THR A 11 13.64 -4.49 -1.26
N ALA A 12 14.35 -5.16 -2.17
CA ALA A 12 15.77 -4.87 -2.41
C ALA A 12 15.94 -4.43 -3.89
N VAL A 13 16.74 -3.39 -4.15
N VAL A 13 16.76 -3.41 -4.15
CA VAL A 13 17.06 -2.88 -5.53
CA VAL A 13 17.03 -2.88 -5.50
C VAL A 13 18.54 -2.79 -5.83
C VAL A 13 18.52 -2.77 -5.84
N SER A 14 18.95 -3.32 -6.98
CA SER A 14 20.39 -3.31 -7.39
C SER A 14 20.71 -1.99 -8.04
N ARG A 15 21.86 -1.42 -7.63
CA ARG A 15 22.39 -0.11 -8.13
C ARG A 15 23.80 -0.37 -8.67
N PRO A 16 23.92 -0.83 -9.94
CA PRO A 16 25.26 -1.24 -10.51
C PRO A 16 26.29 -0.14 -10.91
N ASP A 17 27.55 -0.49 -10.61
CA ASP A 17 28.69 0.39 -10.62
C ASP A 17 28.40 1.58 -9.65
N ARG A 18 27.41 1.41 -8.74
CA ARG A 18 27.03 2.49 -7.78
C ARG A 18 26.79 1.99 -6.37
N GLY A 19 27.53 0.97 -5.98
CA GLY A 19 27.39 0.39 -4.64
C GLY A 19 26.49 -0.84 -4.48
N GLU A 20 26.37 -1.24 -3.23
CA GLU A 20 25.57 -2.45 -2.98
C GLU A 20 24.09 -2.12 -2.98
N PRO A 21 23.23 -3.14 -3.08
CA PRO A 21 21.78 -2.85 -3.09
C PRO A 21 21.13 -2.28 -1.82
N ARG A 22 20.08 -1.46 -1.99
CA ARG A 22 19.25 -0.96 -0.88
C ARG A 22 18.15 -1.96 -0.47
N PHE A 23 17.91 -2.20 0.82
CA PHE A 23 16.87 -3.10 1.40
C PHE A 23 15.93 -2.30 2.38
N ILE A 24 14.65 -2.26 2.02
CA ILE A 24 13.59 -1.65 2.84
C ILE A 24 12.60 -2.70 3.30
N ALA A 25 12.23 -2.71 4.58
CA ALA A 25 11.18 -3.57 5.15
C ALA A 25 10.16 -2.71 5.88
N VAL A 26 8.88 -3.04 5.75
CA VAL A 26 7.77 -2.43 6.50
C VAL A 26 6.84 -3.52 7.09
N GLY A 27 6.25 -3.29 8.25
CA GLY A 27 5.38 -4.21 8.92
C GLY A 27 4.06 -3.54 9.22
N TYR A 28 2.97 -4.26 9.05
CA TYR A 28 1.63 -3.83 9.30
C TYR A 28 0.79 -4.78 10.19
N VAL A 29 -0.12 -4.21 10.99
CA VAL A 29 -1.24 -4.94 11.58
C VAL A 29 -2.45 -4.37 10.78
N ASP A 30 -3.14 -5.23 10.07
CA ASP A 30 -4.21 -4.80 9.18
C ASP A 30 -3.60 -3.72 8.21
N ASP A 31 -4.17 -2.51 8.13
CA ASP A 31 -3.63 -1.40 7.29
C ASP A 31 -2.79 -0.38 8.04
N THR A 32 -2.45 -0.71 9.29
CA THR A 32 -1.66 0.22 10.15
C THR A 32 -0.20 -0.16 10.14
N GLN A 33 0.64 0.68 9.55
CA GLN A 33 2.07 0.41 9.50
C GLN A 33 2.62 0.63 10.91
N PHE A 34 3.35 -0.33 11.48
CA PHE A 34 3.86 -0.14 12.89
C PHE A 34 5.38 -0.16 13.03
N VAL A 35 6.10 -0.58 11.99
CA VAL A 35 7.55 -0.64 11.97
C VAL A 35 8.14 -0.45 10.58
N ARG A 36 9.39 -0.02 10.56
CA ARG A 36 10.16 0.13 9.31
C ARG A 36 11.64 -0.11 9.56
N PHE A 37 12.31 -0.52 8.47
CA PHE A 37 13.76 -0.80 8.36
C PHE A 37 14.30 -0.27 7.07
N ASP A 38 15.45 0.41 7.13
CA ASP A 38 16.05 0.98 5.93
C ASP A 38 17.56 0.83 6.01
N SER A 39 18.11 -0.04 5.13
CA SER A 39 19.52 -0.39 5.07
C SER A 39 20.38 0.84 4.90
N ASP A 40 19.79 1.97 4.45
CA ASP A 40 20.63 3.26 4.37
C ASP A 40 20.80 4.16 5.63
N ALA A 41 19.96 3.90 6.62
CA ALA A 41 20.00 4.62 7.89
C ALA A 41 21.29 4.30 8.68
N PRO A 42 21.88 5.31 9.37
CA PRO A 42 22.99 5.05 10.27
C PRO A 42 22.56 4.01 11.30
N ASN A 43 23.47 3.09 11.67
CA ASN A 43 23.16 1.99 12.59
C ASN A 43 21.69 1.53 12.38
N PRO A 44 21.33 1.01 11.16
CA PRO A 44 19.95 0.82 10.76
C PRO A 44 19.27 -0.14 11.76
N ARG A 45 18.05 0.21 12.14
CA ARG A 45 17.29 -0.58 13.12
C ARG A 45 15.85 -0.67 12.77
N MET A 46 15.16 -1.70 13.28
N MET A 46 15.18 -1.70 13.31
CA MET A 46 13.73 -1.74 13.15
CA MET A 46 13.74 -1.76 13.24
C MET A 46 13.23 -0.59 14.07
C MET A 46 13.23 -0.58 14.10
N GLU A 47 12.48 0.33 13.48
CA GLU A 47 12.01 1.57 14.15
C GLU A 47 10.52 1.59 14.32
N PRO A 48 10.03 2.31 15.32
CA PRO A 48 8.60 2.38 15.44
C PRO A 48 8.04 3.39 14.42
N ARG A 49 6.86 3.09 13.89
CA ARG A 49 6.09 3.98 12.97
C ARG A 49 4.62 4.15 13.42
N ALA A 50 4.31 3.64 14.62
CA ALA A 50 3.01 3.77 15.29
C ALA A 50 3.29 3.96 16.80
N PRO A 51 2.41 4.69 17.55
CA PRO A 51 2.74 4.91 18.98
C PRO A 51 2.67 3.70 19.95
N TRP A 52 1.81 2.74 19.65
CA TRP A 52 1.57 1.64 20.59
C TRP A 52 2.71 0.57 20.62
N ILE A 53 3.58 0.51 19.61
CA ILE A 53 4.70 -0.46 19.64
C ILE A 53 5.89 0.04 20.49
N GLN A 54 5.93 1.33 20.85
CA GLN A 54 7.07 1.88 21.61
C GLN A 54 7.23 1.27 23.00
N GLN A 55 6.11 0.80 23.55
CA GLN A 55 6.07 0.06 24.80
C GLN A 55 7.12 -1.05 24.88
N GLU A 56 7.24 -1.82 23.79
CA GLU A 56 8.15 -2.96 23.72
C GLU A 56 9.55 -2.56 24.17
N GLY A 57 10.17 -3.45 24.96
CA GLY A 57 11.48 -3.15 25.56
C GLY A 57 12.61 -3.24 24.54
N GLN A 58 13.84 -3.06 25.01
CA GLN A 58 15.04 -3.08 24.15
C GLN A 58 15.35 -4.45 23.49
N ASP A 59 15.07 -5.55 24.20
CA ASP A 59 15.17 -6.92 23.72
C ASP A 59 14.36 -7.18 22.44
N TYR A 60 13.21 -6.52 22.30
CA TYR A 60 12.36 -6.66 21.13
C TYR A 60 12.96 -5.88 19.97
N TRP A 61 13.50 -4.70 20.23
CA TRP A 61 14.10 -3.89 19.16
C TRP A 61 15.38 -4.55 18.66
N ASP A 62 16.22 -5.07 19.56
CA ASP A 62 17.50 -5.64 19.15
C ASP A 62 17.34 -6.88 18.24
N ARG A 63 16.39 -7.75 18.60
CA ARG A 63 16.10 -8.97 17.88
C ARG A 63 15.50 -8.69 16.54
N GLU A 64 14.53 -7.78 16.52
CA GLU A 64 13.91 -7.41 15.26
C GLU A 64 14.96 -6.74 14.31
N THR A 65 15.85 -5.93 14.87
CA THR A 65 16.91 -5.28 14.09
C THR A 65 17.87 -6.29 13.49
N GLN A 66 18.26 -7.30 14.27
CA GLN A 66 19.24 -8.26 13.77
C GLN A 66 18.65 -9.08 12.59
N ILE A 67 17.39 -9.50 12.73
CA ILE A 67 16.72 -10.25 11.68
C ILE A 67 16.69 -9.44 10.38
N GLN A 68 16.37 -8.15 10.45
CA GLN A 68 16.36 -7.33 9.21
C GLN A 68 17.78 -7.13 8.64
N ARG A 69 18.82 -6.93 9.46
CA ARG A 69 20.17 -6.85 8.85
C ARG A 69 20.57 -8.19 8.06
N ASP A 70 20.22 -9.34 8.64
CA ASP A 70 20.48 -10.63 7.92
C ASP A 70 19.68 -10.74 6.57
N ASN A 71 18.42 -10.30 6.61
CA ASN A 71 17.57 -10.29 5.40
C ASN A 71 18.20 -9.45 4.28
N ALA A 72 18.77 -8.32 4.67
CA ALA A 72 19.36 -7.43 3.68
C ALA A 72 20.50 -8.13 2.95
N GLN A 73 21.36 -8.81 3.73
CA GLN A 73 22.42 -9.65 3.14
C GLN A 73 21.87 -10.80 2.24
N THR A 74 20.85 -11.49 2.74
CA THR A 74 20.21 -12.61 1.96
C THR A 74 19.62 -12.10 0.61
N PHE A 75 18.87 -10.98 0.66
CA PHE A 75 18.38 -10.42 -0.57
C PHE A 75 19.48 -9.95 -1.53
N ARG A 76 20.64 -9.49 -1.03
CA ARG A 76 21.77 -9.15 -1.95
C ARG A 76 22.28 -10.41 -2.71
N VAL A 77 22.38 -11.50 -1.96
CA VAL A 77 22.75 -12.79 -2.55
C VAL A 77 21.71 -13.21 -3.62
N ASN A 78 20.41 -13.10 -3.27
CA ASN A 78 19.33 -13.46 -4.17
C ASN A 78 19.45 -12.68 -5.48
N LEU A 79 19.71 -11.36 -5.41
CA LEU A 79 19.82 -10.57 -6.65
C LEU A 79 20.96 -11.09 -7.54
N ARG A 80 22.10 -11.47 -6.92
CA ARG A 80 23.19 -12.06 -7.66
C ARG A 80 22.83 -13.43 -8.35
N THR A 81 22.18 -14.26 -7.57
CA THR A 81 21.79 -15.62 -7.98
C THR A 81 20.85 -15.50 -9.16
N ALA A 82 19.87 -14.57 -9.08
CA ALA A 82 18.88 -14.42 -10.19
C ALA A 82 19.51 -14.05 -11.54
N LEU A 83 20.59 -13.26 -11.57
CA LEU A 83 21.28 -12.97 -12.84
C LEU A 83 21.77 -14.23 -13.58
N GLY A 84 22.24 -15.20 -12.79
CA GLY A 84 22.69 -16.47 -13.30
C GLY A 84 21.51 -17.26 -13.87
N TYR A 85 20.40 -17.33 -13.11
CA TYR A 85 19.23 -18.11 -13.52
C TYR A 85 18.58 -17.58 -14.81
N TYR A 86 18.57 -16.25 -14.97
CA TYR A 86 17.97 -15.63 -16.16
C TYR A 86 19.00 -15.16 -17.21
N ASN A 87 20.28 -15.48 -16.98
CA ASN A 87 21.40 -15.13 -17.90
C ASN A 87 21.39 -13.63 -18.23
N GLN A 88 21.50 -12.83 -17.18
CA GLN A 88 21.40 -11.37 -17.32
C GLN A 88 22.73 -10.78 -16.99
N SER A 89 22.98 -9.63 -17.61
CA SER A 89 24.28 -8.98 -17.49
C SER A 89 24.36 -8.23 -16.19
N GLU A 90 25.54 -7.67 -15.95
CA GLU A 90 25.80 -6.88 -14.78
C GLU A 90 25.34 -5.42 -14.91
N ALA A 91 24.90 -5.02 -16.09
CA ALA A 91 24.64 -3.59 -16.43
C ALA A 91 23.39 -2.94 -15.84
N GLY A 92 22.30 -3.71 -15.74
CA GLY A 92 20.96 -3.23 -15.29
C GLY A 92 20.57 -3.34 -13.80
N SER A 93 19.61 -2.49 -13.41
CA SER A 93 19.03 -2.53 -12.06
C SER A 93 17.92 -3.55 -12.08
N HIS A 94 17.85 -4.33 -11.03
CA HIS A 94 16.81 -5.36 -10.87
C HIS A 94 16.23 -5.23 -9.50
N THR A 95 15.05 -5.84 -9.35
N THR A 95 15.02 -5.79 -9.34
CA THR A 95 14.29 -5.72 -8.14
CA THR A 95 14.31 -5.74 -8.06
C THR A 95 13.89 -7.10 -7.60
C THR A 95 13.94 -7.12 -7.60
N PHE A 96 14.03 -7.31 -6.29
CA PHE A 96 13.61 -8.58 -5.64
C PHE A 96 12.72 -8.19 -4.45
N GLN A 97 11.50 -8.73 -4.43
CA GLN A 97 10.48 -8.48 -3.41
C GLN A 97 9.94 -9.70 -2.69
N SER A 98 9.55 -9.53 -1.45
CA SER A 98 8.77 -10.53 -0.72
C SER A 98 7.63 -9.90 0.07
N MET A 99 6.51 -10.63 0.22
CA MET A 99 5.36 -10.26 1.08
C MET A 99 4.86 -11.51 1.77
N TYR A 100 4.72 -11.50 3.09
CA TYR A 100 4.21 -12.69 3.84
C TYR A 100 3.42 -12.28 5.08
N GLY A 101 2.62 -13.21 5.63
CA GLY A 101 1.82 -12.87 6.85
C GLY A 101 0.86 -13.96 7.34
N CYS A 102 0.23 -13.69 8.49
CA CYS A 102 -0.79 -14.57 9.09
C CYS A 102 -2.09 -13.88 9.48
N TYR A 103 -3.17 -14.63 9.47
CA TYR A 103 -4.47 -14.17 9.92
C TYR A 103 -4.99 -14.92 11.19
N LEU A 104 -5.65 -14.20 12.11
CA LEU A 104 -6.16 -14.75 13.40
C LEU A 104 -7.63 -15.17 13.34
N GLY A 105 -7.91 -16.43 13.69
CA GLY A 105 -9.29 -16.97 13.61
C GLY A 105 -10.10 -16.60 14.84
N PRO A 106 -11.46 -16.81 14.80
CA PRO A 106 -12.28 -16.51 16.00
C PRO A 106 -11.84 -17.35 17.25
N ASP A 107 -11.24 -18.53 17.04
CA ASP A 107 -10.66 -19.36 18.14
C ASP A 107 -9.29 -18.90 18.69
N GLY A 108 -8.72 -17.78 18.21
CA GLY A 108 -7.41 -17.31 18.67
C GLY A 108 -6.20 -18.07 18.13
N LEU A 109 -6.42 -18.89 17.11
CA LEU A 109 -5.38 -19.71 16.45
C LEU A 109 -5.26 -19.30 14.98
N LEU A 110 -4.23 -19.80 14.30
CA LEU A 110 -4.00 -19.50 12.85
C LEU A 110 -5.23 -19.83 12.01
N LEU A 111 -5.65 -18.86 11.19
CA LEU A 111 -6.74 -19.02 10.23
C LEU A 111 -6.19 -19.41 8.88
N ARG A 112 -5.16 -18.67 8.47
CA ARG A 112 -4.52 -18.82 7.12
C ARG A 112 -3.25 -18.01 7.06
N GLY A 113 -2.36 -18.40 6.16
CA GLY A 113 -1.07 -17.76 6.00
C GLY A 113 -0.55 -17.77 4.56
N TYR A 114 0.42 -16.91 4.28
CA TYR A 114 1.02 -16.76 2.93
C TYR A 114 2.47 -16.32 2.95
N SER A 115 3.17 -16.60 1.86
CA SER A 115 4.57 -16.19 1.70
C SER A 115 4.94 -16.17 0.19
N GLN A 116 5.08 -14.97 -0.38
N GLN A 116 5.10 -14.97 -0.37
CA GLN A 116 5.31 -14.78 -1.82
CA GLN A 116 5.29 -14.75 -1.79
C GLN A 116 6.62 -14.04 -2.11
C GLN A 116 6.60 -14.04 -2.11
N TYR A 117 7.23 -14.39 -3.25
CA TYR A 117 8.48 -13.77 -3.78
C TYR A 117 8.25 -13.37 -5.23
N GLY A 118 8.81 -12.21 -5.61
CA GLY A 118 8.72 -11.63 -6.97
C GLY A 118 10.04 -11.06 -7.44
N TYR A 119 10.29 -11.20 -8.72
CA TYR A 119 11.53 -10.72 -9.36
C TYR A 119 11.14 -9.84 -10.54
N ASP A 120 11.68 -8.63 -10.57
CA ASP A 120 11.37 -7.67 -11.62
C ASP A 120 9.89 -7.51 -11.91
N SER A 121 9.12 -7.38 -10.82
CA SER A 121 7.67 -7.11 -10.90
C SER A 121 6.87 -8.29 -11.44
N ALA A 122 7.43 -9.48 -11.32
CA ALA A 122 6.71 -10.68 -11.74
C ALA A 122 6.73 -11.77 -10.66
N ASP A 123 5.68 -12.59 -10.58
CA ASP A 123 5.74 -13.76 -9.68
C ASP A 123 7.03 -14.59 -9.85
N TYR A 124 7.62 -15.04 -8.75
CA TYR A 124 8.81 -15.89 -8.80
C TYR A 124 8.44 -17.27 -8.16
N ILE A 125 8.26 -17.33 -6.85
CA ILE A 125 7.82 -18.53 -6.13
C ILE A 125 6.89 -18.11 -5.02
N ALA A 126 5.93 -18.98 -4.71
CA ALA A 126 5.00 -18.72 -3.63
C ALA A 126 4.65 -19.95 -2.81
N LEU A 127 4.51 -19.77 -1.50
CA LEU A 127 4.04 -20.83 -0.61
C LEU A 127 2.51 -21.13 -0.90
N ASN A 128 2.12 -22.41 -1.09
CA ASN A 128 0.73 -22.74 -1.33
C ASN A 128 -0.10 -22.61 -0.06
N GLU A 129 -1.43 -22.60 -0.25
CA GLU A 129 -2.42 -22.47 0.83
C GLU A 129 -2.21 -23.53 1.90
N ASP A 130 -1.84 -24.75 1.48
CA ASP A 130 -1.67 -25.84 2.45
C ASP A 130 -0.41 -25.71 3.36
N LEU A 131 0.47 -24.72 3.07
CA LEU A 131 1.72 -24.48 3.82
C LEU A 131 2.69 -25.68 3.87
N ARG A 132 2.57 -26.56 2.86
CA ARG A 132 3.32 -27.82 2.72
C ARG A 132 3.99 -27.96 1.35
N SER A 133 3.89 -26.94 0.50
CA SER A 133 4.28 -27.02 -0.92
C SER A 133 4.42 -25.64 -1.56
N TRP A 134 5.08 -25.59 -2.72
CA TRP A 134 5.36 -24.33 -3.43
C TRP A 134 4.87 -24.29 -4.86
N THR A 135 4.57 -23.12 -5.38
CA THR A 135 4.25 -22.87 -6.80
C THR A 135 5.37 -22.01 -7.41
N ALA A 136 6.01 -22.57 -8.47
CA ALA A 136 7.10 -21.87 -9.22
C ALA A 136 6.51 -21.22 -10.46
N ALA A 137 6.79 -19.95 -10.71
CA ALA A 137 6.18 -19.24 -11.87
C ALA A 137 6.81 -19.58 -13.22
N ASP A 138 8.06 -20.07 -13.20
CA ASP A 138 8.78 -20.36 -14.47
C ASP A 138 9.92 -21.38 -14.24
N THR A 139 10.69 -21.70 -15.28
CA THR A 139 11.77 -22.73 -15.12
C THR A 139 12.92 -22.29 -14.18
N ALA A 140 13.22 -20.99 -14.07
CA ALA A 140 14.22 -20.55 -13.11
C ALA A 140 13.75 -20.79 -11.66
N ALA A 141 12.51 -20.39 -11.36
CA ALA A 141 11.98 -20.58 -10.00
C ALA A 141 11.88 -22.08 -9.62
N GLN A 142 11.76 -22.98 -10.59
CA GLN A 142 11.71 -24.43 -10.33
C GLN A 142 13.03 -24.89 -9.65
N ILE A 143 14.17 -24.24 -9.97
CA ILE A 143 15.45 -24.52 -9.32
C ILE A 143 15.33 -24.22 -7.82
N THR A 144 14.76 -23.05 -7.51
CA THR A 144 14.52 -22.68 -6.12
C THR A 144 13.54 -23.64 -5.44
N LYS A 145 12.49 -24.03 -6.16
CA LYS A 145 11.53 -24.97 -5.56
C LYS A 145 12.21 -26.29 -5.16
N ARG A 146 13.00 -26.84 -6.06
CA ARG A 146 13.79 -28.06 -5.74
C ARG A 146 14.72 -27.87 -4.49
N LYS A 147 15.40 -26.73 -4.43
N LYS A 147 15.39 -26.72 -4.43
CA LYS A 147 16.28 -26.42 -3.30
CA LYS A 147 16.28 -26.37 -3.31
C LYS A 147 15.50 -26.30 -1.97
C LYS A 147 15.51 -26.28 -1.97
N TRP A 148 14.35 -25.64 -1.99
CA TRP A 148 13.58 -25.40 -0.76
C TRP A 148 12.84 -26.70 -0.29
N GLU A 149 12.54 -27.57 -1.26
CA GLU A 149 11.97 -28.89 -0.95
C GLU A 149 13.01 -29.74 -0.25
N ALA A 150 14.26 -29.66 -0.73
CA ALA A 150 15.37 -30.43 -0.19
C ALA A 150 15.64 -30.01 1.26
N ALA A 151 15.53 -28.71 1.50
CA ALA A 151 15.71 -28.14 2.84
C ALA A 151 14.46 -28.20 3.76
N ASP A 152 13.34 -28.77 3.29
CA ASP A 152 11.96 -28.66 3.88
C ASP A 152 11.73 -27.26 4.56
N GLU A 153 11.94 -26.25 3.74
CA GLU A 153 11.63 -24.84 4.12
C GLU A 153 10.15 -24.60 4.37
N ALA A 154 9.27 -25.33 3.70
CA ALA A 154 7.85 -25.14 3.97
C ALA A 154 7.50 -25.42 5.44
N GLU A 155 8.08 -26.48 6.04
CA GLU A 155 7.82 -26.83 7.43
C GLU A 155 8.24 -25.70 8.36
N GLN A 156 9.33 -25.01 8.03
CA GLN A 156 9.80 -23.86 8.85
C GLN A 156 8.77 -22.70 8.79
N TRP A 157 8.22 -22.42 7.61
CA TRP A 157 7.14 -21.42 7.43
C TRP A 157 5.87 -21.76 8.21
N ARG A 158 5.42 -23.01 8.10
CA ARG A 158 4.17 -23.46 8.74
C ARG A 158 4.29 -23.31 10.26
N SER A 159 5.41 -23.75 10.86
CA SER A 159 5.66 -23.63 12.31
C SER A 159 5.67 -22.14 12.76
N TYR A 160 6.23 -21.25 11.96
CA TYR A 160 6.18 -19.80 12.26
C TYR A 160 4.76 -19.23 12.21
N LEU A 161 4.06 -19.52 11.14
CA LEU A 161 2.72 -18.96 10.95
C LEU A 161 1.78 -19.39 12.05
N GLN A 162 1.84 -20.68 12.43
CA GLN A 162 1.03 -21.26 13.53
C GLN A 162 1.40 -20.82 14.92
N GLY A 163 2.67 -20.44 15.12
CA GLY A 163 3.20 -20.14 16.43
C GLY A 163 3.58 -18.68 16.66
N LEU A 164 4.84 -18.31 16.39
CA LEU A 164 5.31 -16.93 16.59
C LEU A 164 4.48 -15.82 15.88
N CYS A 165 3.97 -16.09 14.67
CA CYS A 165 3.23 -15.05 13.90
C CYS A 165 1.94 -14.72 14.61
N VAL A 166 1.13 -15.72 14.96
CA VAL A 166 -0.13 -15.40 15.61
C VAL A 166 0.10 -14.98 17.07
N GLU A 167 1.23 -15.41 17.68
N GLU A 167 1.22 -15.37 17.68
CA GLU A 167 1.59 -14.96 19.03
CA GLU A 167 1.50 -14.96 19.05
C GLU A 167 1.84 -13.44 19.03
C GLU A 167 1.88 -13.44 19.07
N GLY A 168 2.60 -12.97 18.05
CA GLY A 168 2.88 -11.54 17.93
C GLY A 168 1.57 -10.77 17.63
N LEU A 169 0.77 -11.29 16.72
CA LEU A 169 -0.48 -10.60 16.33
C LEU A 169 -1.39 -10.40 17.54
N ARG A 170 -1.54 -11.44 18.36
CA ARG A 170 -2.40 -11.26 19.56
C ARG A 170 -1.82 -10.18 20.47
N ARG A 171 -0.47 -10.12 20.57
CA ARG A 171 0.18 -9.09 21.46
C ARG A 171 -0.08 -7.68 20.98
N TYR A 172 0.10 -7.49 19.67
CA TYR A 172 -0.10 -6.17 19.04
C TYR A 172 -1.56 -5.75 19.18
N LEU A 173 -2.51 -6.63 18.85
CA LEU A 173 -3.96 -6.32 19.04
C LEU A 173 -4.39 -5.86 20.49
N GLU A 174 -3.80 -6.49 21.52
CA GLU A 174 -4.07 -6.07 22.91
C GLU A 174 -3.38 -4.75 23.25
N MET A 175 -2.14 -4.61 22.79
CA MET A 175 -1.33 -3.42 23.12
C MET A 175 -1.91 -2.15 22.46
N GLY A 176 -2.37 -2.28 21.22
CA GLY A 176 -2.97 -1.13 20.49
C GLY A 176 -4.48 -1.26 20.33
N LYS A 177 -5.17 -1.88 21.28
CA LYS A 177 -6.64 -2.13 21.13
C LYS A 177 -7.51 -0.90 20.79
N ASP A 178 -7.15 0.24 21.38
CA ASP A 178 -7.88 1.53 21.20
C ASP A 178 -7.94 2.05 19.80
N THR A 179 -6.99 1.62 18.98
CA THR A 179 -6.95 1.98 17.57
C THR A 179 -7.10 0.76 16.65
N LEU A 180 -6.36 -0.34 16.90
CA LEU A 180 -6.41 -1.52 16.01
C LEU A 180 -7.70 -2.28 16.03
N GLN A 181 -8.43 -2.25 17.16
CA GLN A 181 -9.68 -3.05 17.25
C GLN A 181 -10.90 -2.22 17.10
N ARG A 182 -10.76 -1.09 16.43
CA ARG A 182 -11.82 -0.16 16.24
C ARG A 182 -11.93 0.18 14.76
N ALA A 183 -13.05 -0.16 14.12
CA ALA A 183 -13.35 0.27 12.78
C ALA A 183 -13.92 1.69 12.84
N GLU A 184 -13.42 2.55 11.97
CA GLU A 184 -13.91 3.90 11.84
C GLU A 184 -14.76 3.95 10.59
N PRO A 185 -16.08 4.18 10.73
CA PRO A 185 -16.93 4.25 9.54
C PRO A 185 -16.70 5.51 8.68
N PRO A 186 -17.14 5.50 7.39
CA PRO A 186 -16.94 6.66 6.51
C PRO A 186 -17.94 7.81 6.78
N LYS A 187 -17.46 9.03 6.64
CA LYS A 187 -18.26 10.25 6.66
C LYS A 187 -18.55 10.50 5.20
N THR A 188 -19.82 10.56 4.83
CA THR A 188 -20.26 10.66 3.44
C THR A 188 -21.06 11.91 3.07
N HIS A 189 -20.95 12.28 1.80
CA HIS A 189 -21.69 13.39 1.21
C HIS A 189 -21.64 13.34 -0.32
N VAL A 190 -22.60 14.02 -0.95
CA VAL A 190 -22.75 14.09 -2.42
C VAL A 190 -22.62 15.54 -2.84
N THR A 191 -21.68 15.80 -3.76
CA THR A 191 -21.49 17.13 -4.43
C THR A 191 -21.99 17.06 -5.88
N ARG A 192 -22.37 18.21 -6.42
CA ARG A 192 -22.91 18.39 -7.77
C ARG A 192 -22.13 19.46 -8.53
N HIS A 193 -21.74 19.15 -9.77
CA HIS A 193 -20.86 19.98 -10.57
C HIS A 193 -21.45 20.08 -11.97
N PRO A 194 -22.05 21.21 -12.31
CA PRO A 194 -22.56 21.34 -13.68
C PRO A 194 -21.52 21.15 -14.75
N SER A 195 -21.92 20.62 -15.90
CA SER A 195 -20.98 20.42 -17.01
C SER A 195 -21.43 20.95 -18.38
N SER A 196 -22.67 20.66 -18.80
CA SER A 196 -23.23 21.08 -20.06
C SER A 196 -24.77 20.88 -20.04
N ASP A 197 -25.43 21.27 -21.14
CA ASP A 197 -26.90 20.99 -21.26
C ASP A 197 -27.22 19.46 -21.24
N LEU A 198 -26.23 18.59 -21.52
CA LEU A 198 -26.42 17.13 -21.52
C LEU A 198 -26.07 16.45 -20.19
N GLY A 199 -25.30 17.07 -19.32
CA GLY A 199 -24.89 16.41 -18.10
C GLY A 199 -24.44 17.29 -16.93
N VAL A 200 -24.62 16.73 -15.73
N VAL A 200 -24.66 16.76 -15.72
CA VAL A 200 -24.20 17.26 -14.48
CA VAL A 200 -24.13 17.31 -14.48
C VAL A 200 -23.44 16.14 -13.78
C VAL A 200 -23.43 16.15 -13.78
N THR A 201 -22.28 16.41 -13.19
CA THR A 201 -21.55 15.39 -12.44
C THR A 201 -22.05 15.29 -11.01
N LEU A 202 -22.41 14.08 -10.52
CA LEU A 202 -22.70 13.85 -9.11
C LEU A 202 -21.53 13.04 -8.56
N ARG A 203 -20.87 13.53 -7.49
CA ARG A 203 -19.77 12.83 -6.83
C ARG A 203 -20.11 12.41 -5.39
N CYS A 204 -19.96 11.09 -5.11
CA CYS A 204 -20.23 10.50 -3.84
C CYS A 204 -18.91 10.25 -3.11
N TRP A 205 -18.70 10.95 -1.97
CA TRP A 205 -17.48 10.88 -1.22
C TRP A 205 -17.60 10.03 0.02
N ALA A 206 -16.52 9.34 0.39
CA ALA A 206 -16.38 8.57 1.60
C ALA A 206 -15.04 8.98 2.22
N LEU A 207 -15.08 9.53 3.43
CA LEU A 207 -13.89 10.09 4.09
C LEU A 207 -13.62 9.58 5.49
N GLY A 208 -12.33 9.42 5.86
CA GLY A 208 -11.91 9.10 7.20
C GLY A 208 -12.19 7.71 7.74
N PHE A 209 -12.20 6.75 6.84
CA PHE A 209 -12.57 5.37 7.19
C PHE A 209 -11.38 4.43 7.40
N TYR A 210 -11.61 3.40 8.21
CA TYR A 210 -10.58 2.39 8.56
C TYR A 210 -11.24 1.10 9.00
N PRO A 211 -10.85 -0.10 8.48
CA PRO A 211 -9.81 -0.34 7.45
C PRO A 211 -10.15 0.16 6.06
N LYS A 212 -9.22 -0.06 5.11
CA LYS A 212 -9.37 0.48 3.75
C LYS A 212 -10.46 -0.18 2.88
N GLU A 213 -10.87 -1.40 3.18
CA GLU A 213 -11.91 -2.04 2.40
C GLU A 213 -13.25 -1.28 2.46
N ILE A 214 -13.84 -1.00 1.31
CA ILE A 214 -15.10 -0.30 1.19
C ILE A 214 -15.78 -0.60 -0.15
N SER A 215 -17.11 -0.50 -0.17
CA SER A 215 -17.89 -0.62 -1.40
C SER A 215 -18.71 0.67 -1.66
N LEU A 216 -18.44 1.32 -2.79
CA LEU A 216 -19.12 2.56 -3.27
C LEU A 216 -19.68 2.29 -4.61
N THR A 217 -21.00 2.45 -4.72
CA THR A 217 -21.70 2.20 -5.96
C THR A 217 -22.82 3.24 -6.15
N TRP A 218 -23.19 3.46 -7.39
CA TRP A 218 -24.37 4.22 -7.76
C TRP A 218 -25.50 3.31 -8.34
N GLN A 219 -26.75 3.63 -8.03
CA GLN A 219 -27.88 2.98 -8.62
C GLN A 219 -28.91 3.97 -9.16
N ARG A 220 -29.65 3.54 -10.20
CA ARG A 220 -30.78 4.31 -10.75
C ARG A 220 -31.96 3.40 -10.59
N GLU A 221 -32.72 3.60 -9.52
CA GLU A 221 -33.88 2.78 -9.22
C GLU A 221 -33.57 1.25 -9.39
N GLY A 222 -32.69 0.74 -8.52
CA GLY A 222 -32.33 -0.70 -8.47
C GLY A 222 -31.23 -1.31 -9.36
N GLN A 223 -30.77 -0.57 -10.35
CA GLN A 223 -29.78 -1.03 -11.35
C GLN A 223 -28.45 -0.30 -11.21
N ASP A 224 -27.38 -1.08 -10.99
CA ASP A 224 -26.00 -0.61 -10.83
C ASP A 224 -25.52 0.16 -12.05
N GLN A 225 -24.78 1.25 -11.84
CA GLN A 225 -24.31 2.11 -12.88
C GLN A 225 -22.76 2.09 -13.02
N SER A 226 -22.14 0.94 -12.76
N SER A 226 -22.13 0.94 -12.74
CA SER A 226 -20.67 0.85 -12.77
CA SER A 226 -20.65 0.85 -12.76
C SER A 226 -20.00 1.07 -14.14
C SER A 226 -19.99 1.06 -14.14
N GLN A 227 -20.68 0.69 -15.24
CA GLN A 227 -20.08 0.76 -16.61
C GLN A 227 -19.25 2.01 -16.95
N ASP A 228 -19.85 3.20 -16.80
CA ASP A 228 -19.16 4.45 -17.14
C ASP A 228 -18.98 5.35 -15.90
N MET A 229 -19.09 4.74 -14.71
CA MET A 229 -18.79 5.43 -13.43
C MET A 229 -17.29 5.62 -13.25
N GLU A 230 -16.84 6.78 -12.75
CA GLU A 230 -15.45 6.99 -12.43
C GLU A 230 -15.25 6.67 -10.96
N LEU A 231 -14.44 5.64 -10.68
CA LEU A 231 -14.19 5.15 -9.32
C LEU A 231 -12.70 5.30 -9.08
N VAL A 232 -12.28 6.28 -8.27
CA VAL A 232 -10.87 6.42 -8.05
C VAL A 232 -10.33 5.35 -7.08
N GLU A 233 -8.99 5.12 -7.16
CA GLU A 233 -8.33 4.16 -6.22
C GLU A 233 -8.41 4.68 -4.78
N THR A 234 -8.65 3.81 -3.82
CA THR A 234 -8.66 4.14 -2.39
C THR A 234 -7.34 4.77 -2.06
N ARG A 235 -7.38 5.90 -1.33
CA ARG A 235 -6.17 6.72 -1.12
C ARG A 235 -6.03 7.08 0.37
N PRO A 236 -4.80 7.19 0.88
CA PRO A 236 -4.59 7.51 2.31
C PRO A 236 -4.92 8.95 2.66
N SER A 237 -5.54 9.16 3.83
CA SER A 237 -5.82 10.53 4.33
C SER A 237 -4.58 11.25 4.85
N GLY A 238 -3.60 10.48 5.32
CA GLY A 238 -2.36 11.02 5.92
C GLY A 238 -2.30 10.88 7.44
N ASP A 239 -3.43 10.56 8.06
CA ASP A 239 -3.57 10.31 9.51
C ASP A 239 -3.87 8.87 9.92
N GLY A 240 -3.70 7.90 9.01
CA GLY A 240 -4.04 6.51 9.31
C GLY A 240 -5.35 6.00 8.75
N THR A 241 -6.21 6.90 8.28
CA THR A 241 -7.50 6.58 7.62
C THR A 241 -7.40 6.69 6.10
N PHE A 242 -8.52 6.37 5.45
CA PHE A 242 -8.63 6.33 3.97
C PHE A 242 -9.76 7.17 3.38
N GLN A 243 -9.64 7.47 2.10
CA GLN A 243 -10.69 8.16 1.29
C GLN A 243 -10.97 7.48 -0.04
N LYS A 244 -12.16 7.75 -0.57
CA LYS A 244 -12.54 7.28 -1.94
C LYS A 244 -13.73 8.07 -2.45
N TRP A 245 -13.90 8.21 -3.74
CA TRP A 245 -15.14 8.73 -4.28
C TRP A 245 -15.52 8.02 -5.57
N ALA A 246 -16.77 8.17 -5.95
CA ALA A 246 -17.35 7.58 -7.17
C ALA A 246 -18.26 8.60 -7.81
N ALA A 247 -18.09 8.84 -9.09
CA ALA A 247 -18.81 9.90 -9.78
C ALA A 247 -19.50 9.41 -11.03
N LEU A 248 -20.62 10.05 -11.37
CA LEU A 248 -21.22 9.77 -12.68
C LEU A 248 -21.88 11.03 -13.22
N VAL A 249 -22.05 11.05 -14.53
CA VAL A 249 -22.64 12.15 -15.25
C VAL A 249 -24.07 11.73 -15.53
N VAL A 250 -25.01 12.58 -15.14
CA VAL A 250 -26.45 12.34 -15.30
C VAL A 250 -27.14 13.53 -16.00
N PRO A 251 -28.29 13.31 -16.64
CA PRO A 251 -28.91 14.51 -17.29
C PRO A 251 -29.37 15.57 -16.30
N PRO A 252 -29.19 16.89 -16.62
CA PRO A 252 -29.76 17.97 -15.78
C PRO A 252 -31.23 17.76 -15.47
N GLY A 253 -31.60 17.88 -14.19
CA GLY A 253 -32.99 17.72 -13.68
C GLY A 253 -33.28 16.31 -13.16
N GLU A 254 -32.42 15.33 -13.43
CA GLU A 254 -32.73 13.95 -12.97
C GLU A 254 -31.86 13.42 -11.82
N GLU A 255 -31.20 14.36 -11.15
CA GLU A 255 -30.39 14.05 -9.99
C GLU A 255 -31.11 13.17 -8.94
N GLN A 256 -32.41 13.34 -8.72
CA GLN A 256 -33.07 12.53 -7.64
C GLN A 256 -33.35 11.08 -8.04
N SER A 257 -33.04 10.69 -9.27
CA SER A 257 -33.22 9.32 -9.69
C SER A 257 -32.05 8.43 -9.31
N TYR A 258 -30.93 9.03 -8.85
CA TYR A 258 -29.69 8.34 -8.50
C TYR A 258 -29.43 8.27 -6.99
N THR A 259 -28.98 7.12 -6.48
CA THR A 259 -28.63 6.99 -5.06
C THR A 259 -27.24 6.37 -4.98
N CYS A 260 -26.45 6.82 -4.03
CA CYS A 260 -25.17 6.26 -3.73
C CYS A 260 -25.29 5.28 -2.58
N HIS A 261 -24.57 4.16 -2.67
CA HIS A 261 -24.66 3.06 -1.68
C HIS A 261 -23.32 2.75 -1.15
N VAL A 262 -23.17 2.75 0.18
CA VAL A 262 -21.91 2.57 0.84
C VAL A 262 -21.95 1.39 1.83
N GLN A 263 -21.03 0.46 1.67
CA GLN A 263 -20.82 -0.62 2.65
C GLN A 263 -19.38 -0.53 3.22
N HIS A 264 -19.27 -0.66 4.55
CA HIS A 264 -18.02 -0.69 5.28
C HIS A 264 -18.23 -1.45 6.58
N GLU A 265 -17.19 -2.07 7.13
CA GLU A 265 -17.33 -2.91 8.36
C GLU A 265 -17.67 -2.10 9.62
N GLY A 266 -17.39 -0.79 9.55
CA GLY A 266 -17.78 0.10 10.69
C GLY A 266 -19.21 0.56 10.71
N LEU A 267 -19.99 0.29 9.67
CA LEU A 267 -21.40 0.73 9.59
C LEU A 267 -22.30 -0.33 10.17
N GLN A 268 -23.29 0.03 11.03
CA GLN A 268 -24.21 -1.00 11.56
C GLN A 268 -25.10 -1.51 10.44
N GLU A 269 -25.47 -0.62 9.50
CA GLU A 269 -26.26 -0.94 8.30
C GLU A 269 -25.58 -0.22 7.13
N PRO A 270 -25.79 -0.70 5.88
CA PRO A 270 -25.33 0.07 4.76
C PRO A 270 -26.06 1.43 4.72
N LEU A 271 -25.41 2.39 4.11
CA LEU A 271 -25.91 3.75 3.90
C LEU A 271 -26.41 3.95 2.50
N THR A 272 -27.43 4.79 2.39
CA THR A 272 -27.96 5.24 1.13
C THR A 272 -27.93 6.78 1.17
N LEU A 273 -27.42 7.45 0.14
CA LEU A 273 -27.53 8.92 0.10
C LEU A 273 -27.79 9.41 -1.31
N ARG A 274 -28.15 10.68 -1.37
CA ARG A 274 -28.47 11.40 -2.58
C ARG A 274 -28.01 12.86 -2.49
N TRP A 275 -28.09 13.56 -3.61
N TRP A 275 -28.08 13.57 -3.62
CA TRP A 275 -27.86 14.99 -3.64
CA TRP A 275 -27.89 15.01 -3.69
C TRP A 275 -28.98 15.65 -2.85
C TRP A 275 -29.00 15.66 -2.84
N ASP A 276 -28.62 16.33 -1.76
CA ASP A 276 -29.60 16.92 -0.84
C ASP A 276 -29.14 18.29 -0.31
N PRO A 277 -29.15 19.31 -1.18
CA PRO A 277 -28.70 20.66 -0.79
C PRO A 277 -29.57 21.36 0.22
N MET B 1 15.09 -7.27 -17.50
CA MET B 1 13.58 -7.13 -17.50
C MET B 1 13.10 -5.71 -17.82
N MET B 2 12.23 -5.76 -18.81
CA MET B 2 11.71 -4.60 -19.47
C MET B 2 10.38 -4.09 -18.91
N VAL B 3 9.75 -4.75 -17.92
CA VAL B 3 8.50 -4.20 -17.32
C VAL B 3 8.68 -2.73 -16.85
N ALA B 4 7.72 -1.89 -17.22
CA ALA B 4 7.72 -0.47 -16.84
C ALA B 4 6.25 -0.02 -16.79
N ARG B 5 5.75 0.11 -15.57
CA ARG B 5 4.33 0.39 -15.27
C ARG B 5 4.19 1.91 -15.01
N PRO B 6 3.36 2.65 -15.78
CA PRO B 6 3.27 4.09 -15.47
C PRO B 6 2.52 4.42 -14.17
N PRO B 7 2.99 5.45 -13.47
CA PRO B 7 2.27 5.84 -12.23
C PRO B 7 0.87 6.50 -12.46
N LYS B 8 -0.04 6.16 -11.54
CA LYS B 8 -1.29 6.86 -11.32
C LYS B 8 -1.04 7.95 -10.28
N VAL B 9 -1.56 9.15 -10.49
CA VAL B 9 -1.34 10.28 -9.58
C VAL B 9 -2.68 10.91 -9.11
N GLN B 10 -2.89 11.04 -7.78
CA GLN B 10 -4.02 11.82 -7.21
C GLN B 10 -3.48 12.91 -6.28
N VAL B 11 -4.02 14.12 -6.42
N VAL B 11 -3.97 14.14 -6.39
CA VAL B 11 -3.67 15.30 -5.61
CA VAL B 11 -3.56 15.21 -5.46
C VAL B 11 -4.93 15.76 -4.87
C VAL B 11 -4.87 15.75 -4.86
N TYR B 12 -4.90 15.85 -3.53
CA TYR B 12 -6.12 16.10 -2.76
C TYR B 12 -5.81 16.55 -1.35
N SER B 13 -6.81 17.17 -0.69
CA SER B 13 -6.66 17.56 0.71
C SER B 13 -7.15 16.49 1.70
N ARG B 14 -6.63 16.50 2.93
CA ARG B 14 -7.06 15.58 3.97
C ARG B 14 -8.54 15.82 4.35
N HIS B 15 -8.91 17.08 4.61
CA HIS B 15 -10.28 17.50 4.97
C HIS B 15 -10.85 18.35 3.84
N PRO B 16 -12.19 18.48 3.72
CA PRO B 16 -12.78 19.29 2.68
C PRO B 16 -12.22 20.75 2.79
N ALA B 17 -11.77 21.29 1.68
CA ALA B 17 -11.10 22.58 1.70
C ALA B 17 -12.03 23.82 1.98
N GLU B 18 -11.52 24.77 2.73
CA GLU B 18 -12.21 26.04 3.01
C GLU B 18 -11.10 27.10 3.11
N ASN B 19 -11.30 28.20 2.39
CA ASN B 19 -10.27 29.29 2.38
C ASN B 19 -9.92 29.80 3.77
N GLY B 20 -8.62 30.00 4.01
CA GLY B 20 -8.14 30.44 5.31
C GLY B 20 -8.09 29.45 6.48
N LYS B 21 -8.44 28.19 6.24
CA LYS B 21 -8.46 27.12 7.21
C LYS B 21 -7.29 26.16 7.01
N PRO B 22 -6.33 26.07 7.98
CA PRO B 22 -5.23 25.07 7.93
C PRO B 22 -5.75 23.65 7.61
N ASN B 23 -4.99 22.94 6.76
CA ASN B 23 -5.34 21.62 6.20
C ASN B 23 -4.04 20.90 5.86
N TYR B 24 -4.17 19.77 5.15
CA TYR B 24 -3.02 18.97 4.67
C TYR B 24 -3.16 18.65 3.19
N LEU B 25 -2.09 18.79 2.40
CA LEU B 25 -2.07 18.53 0.93
C LEU B 25 -1.32 17.22 0.70
N ASN B 26 -1.99 16.32 -0.04
CA ASN B 26 -1.52 14.97 -0.32
C ASN B 26 -1.30 14.73 -1.81
N CYS B 27 -0.19 14.04 -2.16
CA CYS B 27 0.06 13.56 -3.54
C CYS B 27 0.33 12.05 -3.40
N TYR B 28 -0.64 11.23 -3.86
CA TYR B 28 -0.59 9.76 -3.83
C TYR B 28 -0.28 9.21 -5.21
N VAL B 29 0.83 8.47 -5.27
CA VAL B 29 1.40 7.99 -6.52
C VAL B 29 1.49 6.46 -6.43
N SER B 30 0.77 5.77 -7.32
CA SER B 30 0.68 4.31 -7.20
C SER B 30 0.75 3.54 -8.53
N GLY B 31 0.93 2.22 -8.39
CA GLY B 31 0.92 1.32 -9.55
C GLY B 31 2.15 1.36 -10.44
N PHE B 32 3.26 1.88 -9.96
CA PHE B 32 4.44 2.07 -10.82
C PHE B 32 5.56 1.03 -10.60
N HIS B 33 6.39 0.87 -11.62
CA HIS B 33 7.58 0.02 -11.65
C HIS B 33 8.47 0.48 -12.80
N PRO B 34 9.80 0.58 -12.66
CA PRO B 34 10.62 0.33 -11.48
C PRO B 34 10.39 1.37 -10.33
N PRO B 35 10.95 1.11 -9.15
CA PRO B 35 10.68 1.99 -8.00
C PRO B 35 11.35 3.38 -8.02
N GLN B 36 12.39 3.57 -8.82
CA GLN B 36 13.03 4.90 -8.88
C GLN B 36 12.04 5.94 -9.40
N ILE B 37 11.84 7.03 -8.67
CA ILE B 37 10.85 8.06 -9.01
C ILE B 37 11.13 9.34 -8.22
N GLU B 38 10.69 10.48 -8.78
CA GLU B 38 10.76 11.75 -8.14
C GLU B 38 9.38 12.39 -8.11
N ILE B 39 8.89 12.72 -6.92
CA ILE B 39 7.56 13.25 -6.72
C ILE B 39 7.72 14.60 -6.02
N ASP B 40 7.25 15.68 -6.61
CA ASP B 40 7.34 17.03 -6.03
C ASP B 40 5.96 17.70 -5.89
N LEU B 41 5.59 18.12 -4.67
CA LEU B 41 4.47 19.05 -4.51
C LEU B 41 4.96 20.46 -4.91
N LEU B 42 4.14 21.19 -5.66
CA LEU B 42 4.45 22.54 -6.15
C LEU B 42 3.45 23.60 -5.70
N LYS B 43 3.95 24.77 -5.30
CA LYS B 43 3.15 25.93 -4.91
C LYS B 43 3.54 27.04 -5.86
N ASN B 44 2.61 27.47 -6.71
CA ASN B 44 2.89 28.48 -7.70
C ASN B 44 4.17 28.11 -8.51
N GLY B 45 4.25 26.81 -8.83
CA GLY B 45 5.36 26.25 -9.67
C GLY B 45 6.69 25.92 -9.00
N GLU B 46 6.78 26.15 -7.69
CA GLU B 46 8.02 25.93 -6.95
C GLU B 46 7.91 24.80 -5.94
N LYS B 47 8.98 24.03 -5.81
CA LYS B 47 8.99 22.90 -4.91
C LYS B 47 8.71 23.27 -3.42
N MET B 48 7.78 22.53 -2.79
CA MET B 48 7.45 22.66 -1.37
C MET B 48 8.24 21.67 -0.54
N ASN B 49 8.58 22.03 0.71
N ASN B 49 8.55 22.03 0.71
CA ASN B 49 9.19 21.08 1.65
CA ASN B 49 9.11 21.10 1.66
C ASN B 49 8.06 20.09 2.06
C ASN B 49 7.98 20.09 1.98
N ALA B 50 8.24 18.81 1.77
CA ALA B 50 7.21 17.78 2.01
C ALA B 50 7.83 16.51 2.47
N GLU B 51 7.09 15.76 3.25
CA GLU B 51 7.48 14.46 3.76
C GLU B 51 7.02 13.34 2.79
N GLN B 52 7.80 12.24 2.77
CA GLN B 52 7.52 11.10 1.88
C GLN B 52 7.46 9.81 2.68
N SER B 53 6.45 9.00 2.37
CA SER B 53 6.25 7.69 3.02
C SER B 53 7.35 6.66 2.70
N ASP B 54 7.44 5.59 3.50
CA ASP B 54 8.37 4.50 3.28
C ASP B 54 7.87 3.69 2.13
N LEU B 55 8.79 3.22 1.29
CA LEU B 55 8.41 2.46 0.09
C LEU B 55 7.65 1.15 0.41
N SER B 56 6.43 1.00 -0.19
CA SER B 56 5.65 -0.21 -0.02
C SER B 56 5.06 -0.55 -1.39
N PHE B 57 4.33 -1.65 -1.42
CA PHE B 57 3.77 -2.15 -2.68
C PHE B 57 2.52 -3.00 -2.45
N SER B 58 1.83 -3.22 -3.57
CA SER B 58 0.53 -3.88 -3.62
C SER B 58 0.61 -5.37 -3.99
N LYS B 59 -0.55 -6.05 -3.96
CA LYS B 59 -0.63 -7.48 -4.29
C LYS B 59 -0.14 -7.87 -5.70
N ASP B 60 -0.12 -6.91 -6.64
CA ASP B 60 0.42 -7.11 -8.00
C ASP B 60 1.91 -6.75 -8.14
N TRP B 61 2.56 -6.49 -7.00
CA TRP B 61 3.99 -6.10 -6.84
C TRP B 61 4.23 -4.60 -7.10
N SER B 62 3.26 -3.88 -7.66
CA SER B 62 3.51 -2.46 -8.05
C SER B 62 3.65 -1.59 -6.82
N PHE B 63 4.45 -0.53 -6.96
CA PHE B 63 4.82 0.36 -5.82
C PHE B 63 3.91 1.54 -5.61
N TYR B 64 3.90 2.02 -4.36
CA TYR B 64 3.14 3.27 -4.05
C TYR B 64 3.86 4.12 -2.99
N LEU B 65 3.62 5.45 -3.10
CA LEU B 65 4.14 6.45 -2.16
C LEU B 65 3.16 7.56 -1.93
N LEU B 66 3.16 8.09 -0.70
CA LEU B 66 2.45 9.34 -0.36
C LEU B 66 3.50 10.48 -0.08
N VAL B 67 3.32 11.62 -0.76
CA VAL B 67 4.08 12.87 -0.47
C VAL B 67 3.06 13.86 0.13
N HIS B 68 3.33 14.49 1.29
CA HIS B 68 2.35 15.38 1.96
C HIS B 68 2.96 16.49 2.81
N THR B 69 2.19 17.56 2.99
CA THR B 69 2.60 18.72 3.84
C THR B 69 1.41 19.52 4.27
N GLU B 70 1.62 20.38 5.29
CA GLU B 70 0.58 21.32 5.72
C GLU B 70 0.38 22.41 4.69
N PHE B 71 -0.83 22.90 4.57
CA PHE B 71 -1.13 24.09 3.73
C PHE B 71 -2.40 24.76 4.20
N THR B 72 -2.56 26.05 3.85
CA THR B 72 -3.80 26.80 4.18
C THR B 72 -4.32 27.32 2.84
N PRO B 73 -5.36 26.68 2.26
CA PRO B 73 -5.88 27.10 0.96
C PRO B 73 -6.47 28.50 0.98
N ASN B 74 -6.48 29.10 -0.19
CA ASN B 74 -7.08 30.42 -0.37
C ASN B 74 -7.50 30.59 -1.83
N ALA B 75 -7.94 31.79 -2.20
CA ALA B 75 -8.39 32.08 -3.59
C ALA B 75 -7.23 32.53 -4.52
N VAL B 76 -6.02 32.65 -4.02
CA VAL B 76 -4.88 33.13 -4.84
C VAL B 76 -3.85 32.05 -5.25
N ASP B 77 -3.44 31.20 -4.33
CA ASP B 77 -2.36 30.24 -4.62
C ASP B 77 -2.80 29.00 -5.44
N GLN B 78 -1.87 28.49 -6.26
CA GLN B 78 -2.09 27.30 -7.08
C GLN B 78 -1.19 26.17 -6.64
N TYR B 79 -1.72 24.94 -6.58
CA TYR B 79 -0.96 23.79 -6.09
C TYR B 79 -1.06 22.68 -7.10
N SER B 80 0.01 21.91 -7.22
CA SER B 80 0.06 20.80 -8.14
C SER B 80 1.06 19.78 -7.66
N CYS B 81 1.08 18.63 -8.34
CA CYS B 81 2.05 17.53 -8.06
C CYS B 81 2.73 17.18 -9.35
N ARG B 82 4.06 17.14 -9.33
CA ARG B 82 4.90 16.85 -10.52
C ARG B 82 5.64 15.55 -10.32
N VAL B 83 5.51 14.64 -11.31
CA VAL B 83 6.13 13.32 -11.23
C VAL B 83 7.04 13.04 -12.44
N LYS B 84 8.23 12.52 -12.15
CA LYS B 84 9.24 12.13 -13.10
C LYS B 84 9.58 10.64 -12.91
N HIS B 85 9.56 9.89 -14.02
CA HIS B 85 9.69 8.40 -14.01
C HIS B 85 10.09 7.92 -15.36
N VAL B 86 10.71 6.74 -15.46
CA VAL B 86 11.19 6.29 -16.79
C VAL B 86 10.05 6.14 -17.85
N THR B 87 8.82 5.92 -17.38
CA THR B 87 7.65 5.76 -18.27
C THR B 87 7.00 7.05 -18.79
N LEU B 88 7.59 8.20 -18.42
CA LEU B 88 7.03 9.54 -18.72
C LEU B 88 8.04 10.30 -19.56
N ASP B 89 7.70 10.55 -20.84
CA ASP B 89 8.62 11.27 -21.79
C ASP B 89 8.68 12.78 -21.49
N LYS B 90 7.72 13.28 -20.73
CA LYS B 90 7.77 14.64 -20.13
C LYS B 90 7.07 14.54 -18.78
N PRO B 91 7.47 15.38 -17.83
CA PRO B 91 6.86 15.23 -16.49
C PRO B 91 5.33 15.29 -16.50
N LYS B 92 4.74 14.52 -15.59
CA LYS B 92 3.31 14.45 -15.42
C LYS B 92 2.99 15.46 -14.34
N ILE B 93 2.12 16.42 -14.67
CA ILE B 93 1.67 17.42 -13.72
C ILE B 93 0.16 17.32 -13.57
N VAL B 94 -0.30 17.13 -12.34
CA VAL B 94 -1.69 17.14 -11.94
C VAL B 94 -1.98 18.34 -10.99
N LYS B 95 -2.94 19.15 -11.37
CA LYS B 95 -3.35 20.31 -10.60
C LYS B 95 -4.29 19.93 -9.46
N TRP B 96 -4.10 20.54 -8.29
CA TRP B 96 -5.05 20.38 -7.22
C TRP B 96 -6.31 21.21 -7.44
N ASP B 97 -7.50 20.60 -7.25
CA ASP B 97 -8.74 21.37 -7.12
C ASP B 97 -9.58 20.69 -5.99
N ARG B 98 -10.33 21.51 -5.28
CA ARG B 98 -11.09 21.08 -4.12
C ARG B 98 -12.27 20.13 -4.43
N ASP B 99 -12.62 19.94 -5.72
CA ASP B 99 -13.73 19.06 -6.14
C ASP B 99 -13.28 17.62 -6.46
N HIS B 100 -11.98 17.32 -6.36
CA HIS B 100 -11.49 15.95 -6.61
C HIS B 100 -10.55 15.50 -5.51
N ILE C 1 6.26 -9.80 14.94
CA ILE C 1 7.44 -10.69 15.06
C ILE C 1 7.72 -11.25 13.69
N ALA C 2 8.85 -10.86 13.11
CA ALA C 2 9.20 -11.28 11.78
C ALA C 2 9.70 -12.72 11.75
N TYR C 3 9.65 -13.33 10.56
CA TYR C 3 10.15 -14.67 10.32
C TYR C 3 11.67 -14.65 10.43
N GLU C 4 12.21 -15.60 11.18
CA GLU C 4 13.63 -15.46 11.63
C GLU C 4 14.76 -15.84 10.68
N ARG C 5 14.58 -16.81 9.79
CA ARG C 5 15.74 -17.10 8.93
C ARG C 5 15.30 -17.42 7.52
N MET C 6 15.35 -16.39 6.69
CA MET C 6 15.06 -16.47 5.25
C MET C 6 16.20 -17.22 4.53
N CYS C 7 15.82 -18.05 3.56
N CYS C 7 15.89 -17.97 3.44
CA CYS C 7 16.71 -18.95 2.86
CA CYS C 7 16.92 -18.72 2.63
C CYS C 7 16.95 -18.39 1.51
C CYS C 7 17.34 -18.11 1.28
N ASN C 8 18.18 -18.47 1.00
N ASN C 8 18.51 -18.53 0.78
CA ASN C 8 18.46 -17.91 -0.34
CA ASN C 8 18.90 -18.15 -0.55
C ASN C 8 17.88 -18.76 -1.48
C ASN C 8 17.89 -18.77 -1.49
N ILE C 9 17.56 -18.07 -2.57
CA ILE C 9 16.88 -18.68 -3.72
C ILE C 9 17.86 -19.57 -4.52
CA CA D . -24.70 -0.99 -20.37
C1 EDO E . 13.25 9.24 -11.83
O1 EDO E . 12.50 10.39 -11.52
C2 EDO E . 13.33 9.16 -13.34
O2 EDO E . 13.79 7.87 -13.66
#